data_8GZE
#
_entry.id   8GZE
#
_cell.length_a   79.182
_cell.length_b   79.182
_cell.length_c   422.365
_cell.angle_alpha   90.00
_cell.angle_beta   90.00
_cell.angle_gamma   120.00
#
_symmetry.space_group_name_H-M   'P 61 2 2'
#
loop_
_entity.id
_entity.type
_entity.pdbx_description
1 polymer 'Protein-L-histidine N-pros-methyltransferase'
2 polymer 'Zinc transporter SLC39A7'
3 non-polymer S-ADENOSYL-L-HOMOCYSTEINE
#
loop_
_entity_poly.entity_id
_entity_poly.type
_entity_poly.pdbx_seq_one_letter_code
_entity_poly.pdbx_strand_id
1 'polypeptide(L)'
;NHQWYVCNREKLCESLQAVFVQSYLDQGTQIFLNNSIEKSGWLFIQLYHSFVSSVFSLFMSRTSINGLLGRGSMFVFSPD
QFQRLLKINPDWKTHRLLDLGAGDGEVTKIMSPHFEEIYATELSETMIWQLQKKKYRVLGINEWQNTGFQYDVISCLNLL
DRCDQPLTLLKDIRSVLEPTRGRVILALVLPFHPYVENVGGKWEKPSEILEIKGQNWEEQVNSLPEVFRKAGFVIEAFTR
LPYLCEGDMYNDYYVLDDAVFVLKPV
;
A,B
2 'polypeptide(L)' GHTHE E,D
#
# COMPACT_ATOMS: atom_id res chain seq x y z
N GLN A 3 -3.26 8.27 13.75
CA GLN A 3 -4.53 7.91 13.13
C GLN A 3 -5.04 6.58 13.66
N TRP A 4 -4.22 5.53 13.52
CA TRP A 4 -4.58 4.18 13.95
C TRP A 4 -4.03 3.83 15.33
N TYR A 5 -3.17 4.68 15.90
CA TYR A 5 -2.47 4.35 17.14
C TYR A 5 -2.89 5.26 18.28
N VAL A 6 -3.88 6.11 18.04
CA VAL A 6 -4.24 7.17 18.98
C VAL A 6 -5.39 6.67 19.86
N CYS A 7 -5.42 7.18 21.08
CA CYS A 7 -6.51 6.89 22.00
C CYS A 7 -6.76 8.11 22.87
N ASN A 8 -8.03 8.39 23.12
CA ASN A 8 -8.37 9.44 24.07
C ASN A 8 -8.31 8.82 25.46
N ARG A 9 -7.18 9.00 26.13
CA ARG A 9 -6.97 8.42 27.45
C ARG A 9 -7.80 9.09 28.54
N GLU A 10 -8.58 10.13 28.21
CA GLU A 10 -9.52 10.68 29.17
C GLU A 10 -10.81 9.88 29.23
N LYS A 11 -11.16 9.17 28.15
CA LYS A 11 -12.26 8.20 28.18
C LYS A 11 -11.83 6.85 28.74
N LEU A 12 -10.65 6.78 29.35
CA LEU A 12 -10.19 5.61 30.07
C LEU A 12 -10.25 5.92 31.56
N CYS A 13 -10.46 4.89 32.37
CA CYS A 13 -10.38 5.08 33.80
C CYS A 13 -8.94 5.30 34.22
N GLU A 14 -8.75 6.01 35.34
CA GLU A 14 -7.41 6.37 35.82
C GLU A 14 -6.47 5.18 35.86
N SER A 15 -7.00 4.00 36.16
CA SER A 15 -6.18 2.80 36.21
C SER A 15 -5.57 2.48 34.86
N LEU A 16 -6.41 2.37 33.83
CA LEU A 16 -5.93 2.00 32.50
C LEU A 16 -5.07 3.08 31.84
N GLN A 17 -5.18 4.34 32.26
CA GLN A 17 -4.35 5.38 31.68
C GLN A 17 -2.87 5.14 31.92
N ALA A 18 -2.52 4.47 33.03
CA ALA A 18 -1.13 4.28 33.38
C ALA A 18 -0.49 3.09 32.66
N VAL A 19 -1.26 2.06 32.32
CA VAL A 19 -0.69 0.84 31.75
C VAL A 19 -0.73 0.93 30.23
N PHE A 20 -1.06 2.10 29.71
CA PHE A 20 -1.13 2.25 28.26
C PHE A 20 0.28 2.22 27.67
N VAL A 21 0.38 1.70 26.44
CA VAL A 21 1.61 1.69 25.68
C VAL A 21 1.27 2.21 24.29
N GLN A 22 1.94 3.27 23.87
CA GLN A 22 1.66 3.87 22.57
C GLN A 22 2.54 3.24 21.50
N SER A 23 1.95 3.04 20.32
CA SER A 23 2.65 2.53 19.16
C SER A 23 2.59 3.58 18.05
N TYR A 24 3.46 3.42 17.06
CA TYR A 24 3.41 4.24 15.86
C TYR A 24 3.72 3.36 14.66
N LEU A 25 3.70 3.96 13.47
CA LEU A 25 4.08 3.22 12.29
C LEU A 25 5.56 2.86 12.37
N ASP A 26 5.87 1.64 11.94
CA ASP A 26 7.21 1.09 12.01
C ASP A 26 7.71 0.84 10.59
N GLN A 27 9.02 0.67 10.45
CA GLN A 27 9.52 0.21 9.17
C GLN A 27 9.03 -1.20 8.86
N GLY A 28 8.68 -1.98 9.88
CA GLY A 28 8.01 -3.24 9.64
C GLY A 28 6.59 -3.05 9.15
N THR A 29 5.85 -2.13 9.78
CA THR A 29 4.53 -1.79 9.28
C THR A 29 4.63 -1.24 7.88
N GLN A 30 5.68 -0.44 7.61
CA GLN A 30 5.87 0.13 6.29
C GLN A 30 6.12 -0.96 5.25
N ILE A 31 7.01 -1.90 5.54
CA ILE A 31 7.31 -2.93 4.56
C ILE A 31 6.12 -3.87 4.37
N PHE A 32 5.33 -4.10 5.43
CA PHE A 32 4.13 -4.91 5.24
C PHE A 32 3.13 -4.21 4.33
N LEU A 33 2.90 -2.92 4.55
CA LEU A 33 1.96 -2.19 3.71
C LEU A 33 2.45 -2.13 2.27
N ASN A 34 3.75 -1.93 2.09
CA ASN A 34 4.32 -1.89 0.74
C ASN A 34 4.10 -3.21 0.02
N ASN A 35 4.51 -4.31 0.66
CA ASN A 35 4.36 -5.62 0.01
C ASN A 35 2.91 -5.98 -0.22
N SER A 36 2.02 -5.55 0.68
CA SER A 36 0.60 -5.82 0.46
C SER A 36 0.06 -5.03 -0.71
N ILE A 37 0.55 -3.80 -0.92
CA ILE A 37 0.11 -3.01 -2.06
C ILE A 37 0.59 -3.63 -3.37
N GLU A 38 1.89 -3.95 -3.46
CA GLU A 38 2.38 -4.53 -4.71
C GLU A 38 1.80 -5.92 -4.97
N LYS A 39 1.46 -6.67 -3.92
CA LYS A 39 0.75 -7.92 -4.16
C LYS A 39 -0.71 -7.70 -4.52
N SER A 40 -1.26 -6.53 -4.20
CA SER A 40 -2.64 -6.21 -4.54
C SER A 40 -2.76 -5.59 -5.92
N GLY A 41 -1.66 -5.56 -6.68
CA GLY A 41 -1.64 -4.92 -7.98
C GLY A 41 -1.87 -5.89 -9.12
N TRP A 42 -1.60 -7.17 -8.88
CA TRP A 42 -1.65 -8.18 -9.92
C TRP A 42 -3.10 -8.64 -10.09
N LEU A 43 -3.79 -8.05 -11.07
CA LEU A 43 -5.22 -8.29 -11.20
C LEU A 43 -5.51 -9.71 -11.70
N PHE A 44 -4.68 -10.22 -12.60
CA PHE A 44 -4.92 -11.54 -13.18
C PHE A 44 -4.88 -12.64 -12.12
N ILE A 45 -3.90 -12.58 -11.23
CA ILE A 45 -3.80 -13.56 -10.16
C ILE A 45 -4.99 -13.44 -9.22
N GLN A 46 -5.46 -12.22 -8.95
CA GLN A 46 -6.65 -12.05 -8.14
C GLN A 46 -7.88 -12.62 -8.84
N LEU A 47 -7.92 -12.59 -10.18
CA LEU A 47 -9.03 -13.20 -10.90
C LEU A 47 -9.02 -14.72 -10.76
N TYR A 48 -7.83 -15.32 -10.90
CA TYR A 48 -7.69 -16.75 -10.60
C TYR A 48 -8.20 -17.07 -9.20
N HIS A 49 -7.67 -16.36 -8.20
CA HIS A 49 -8.11 -16.52 -6.82
C HIS A 49 -9.62 -16.39 -6.72
N SER A 50 -10.22 -15.43 -7.42
CA SER A 50 -11.65 -15.19 -7.31
C SER A 50 -12.44 -16.38 -7.86
N PHE A 51 -12.04 -16.91 -9.01
CA PHE A 51 -12.73 -18.08 -9.54
C PHE A 51 -12.66 -19.26 -8.58
N VAL A 52 -11.44 -19.59 -8.13
CA VAL A 52 -11.28 -20.71 -7.21
C VAL A 52 -12.07 -20.47 -5.93
N SER A 53 -12.04 -19.24 -5.42
CA SER A 53 -12.82 -18.89 -4.23
C SER A 53 -14.30 -19.15 -4.44
N SER A 54 -14.85 -18.65 -5.55
CA SER A 54 -16.28 -18.81 -5.79
C SER A 54 -16.66 -20.29 -5.85
N VAL A 55 -15.88 -21.08 -6.58
CA VAL A 55 -16.19 -22.51 -6.69
C VAL A 55 -16.10 -23.19 -5.32
N PHE A 56 -15.03 -22.92 -4.57
CA PHE A 56 -14.73 -23.67 -3.34
C PHE A 56 -15.54 -23.22 -2.14
N SER A 57 -15.95 -21.94 -2.07
CA SER A 57 -16.81 -21.45 -1.01
C SER A 57 -18.07 -22.29 -0.84
N LEU A 58 -18.53 -22.93 -1.92
CA LEU A 58 -19.67 -23.83 -1.84
C LEU A 58 -19.44 -25.01 -0.90
N PHE A 59 -18.17 -25.28 -0.52
CA PHE A 59 -17.90 -26.40 0.38
C PHE A 59 -16.62 -26.19 1.21
N MET A 60 -16.30 -24.95 1.56
CA MET A 60 -15.16 -24.67 2.43
C MET A 60 -15.40 -23.36 3.16
N SER A 61 -14.54 -23.10 4.14
CA SER A 61 -14.55 -21.86 4.87
C SER A 61 -13.62 -20.86 4.18
N ARG A 62 -13.94 -19.57 4.33
CA ARG A 62 -13.14 -18.54 3.68
C ARG A 62 -11.70 -18.55 4.17
N THR A 63 -11.49 -18.76 5.48
CA THR A 63 -10.13 -18.88 5.99
C THR A 63 -9.44 -20.10 5.38
N SER A 64 -10.16 -21.21 5.26
CA SER A 64 -9.58 -22.40 4.63
C SER A 64 -9.20 -22.12 3.19
N ILE A 65 -10.02 -21.36 2.46
CA ILE A 65 -9.71 -21.03 1.08
C ILE A 65 -8.47 -20.15 1.00
N ASN A 66 -8.43 -19.08 1.80
CA ASN A 66 -7.26 -18.20 1.80
C ASN A 66 -6.01 -18.89 2.32
N GLY A 67 -6.17 -20.00 3.05
CA GLY A 67 -5.02 -20.79 3.43
C GLY A 67 -4.61 -21.76 2.34
N LEU A 68 -5.54 -22.12 1.47
CA LEU A 68 -5.20 -22.95 0.32
C LEU A 68 -4.47 -22.15 -0.75
N LEU A 69 -4.78 -20.87 -0.89
CA LEU A 69 -4.20 -20.06 -1.96
C LEU A 69 -3.00 -19.22 -1.53
N GLY A 70 -2.65 -19.22 -0.25
CA GLY A 70 -1.57 -18.36 0.22
C GLY A 70 -1.87 -16.88 0.21
N ARG A 71 -3.14 -16.51 0.28
CA ARG A 71 -3.58 -15.12 0.25
C ARG A 71 -3.95 -14.65 1.66
N GLY A 72 -4.07 -13.33 1.81
CA GLY A 72 -4.62 -12.73 3.02
C GLY A 72 -3.80 -12.82 4.29
N SER A 73 -2.48 -12.74 4.20
CA SER A 73 -1.66 -12.67 5.40
C SER A 73 -1.96 -11.38 6.16
N MET A 74 -1.66 -11.37 7.46
CA MET A 74 -2.05 -10.26 8.31
C MET A 74 -0.89 -9.78 9.16
N PHE A 75 -1.16 -8.69 9.87
CA PHE A 75 -0.17 -7.96 10.65
C PHE A 75 -0.85 -7.38 11.89
N VAL A 76 -0.29 -7.66 13.06
CA VAL A 76 -0.79 -7.11 14.33
C VAL A 76 0.18 -6.08 14.89
N PHE A 77 1.41 -6.48 15.17
CA PHE A 77 2.48 -5.60 15.60
C PHE A 77 3.72 -5.92 14.79
N SER A 78 4.74 -5.11 14.99
CA SER A 78 6.06 -5.32 14.42
C SER A 78 7.00 -5.79 15.52
N PRO A 79 8.20 -6.25 15.18
CA PRO A 79 9.17 -6.60 16.24
C PRO A 79 9.33 -5.49 17.26
N ASP A 80 9.48 -4.25 16.80
CA ASP A 80 9.66 -3.12 17.72
C ASP A 80 8.45 -2.99 18.65
N GLN A 81 7.26 -2.89 18.08
CA GLN A 81 6.06 -2.70 18.89
C GLN A 81 5.83 -3.88 19.83
N PHE A 82 6.00 -5.10 19.32
CA PHE A 82 5.80 -6.28 20.17
C PHE A 82 6.76 -6.27 21.36
N GLN A 83 8.03 -5.94 21.11
CA GLN A 83 9.01 -5.98 22.20
C GLN A 83 8.73 -4.89 23.22
N ARG A 84 8.40 -3.68 22.75
CA ARG A 84 8.14 -2.60 23.71
C ARG A 84 6.81 -2.78 24.42
N LEU A 85 5.88 -3.56 23.85
CA LEU A 85 4.63 -3.87 24.56
C LEU A 85 4.86 -4.91 25.63
N LEU A 86 5.54 -6.01 25.29
CA LEU A 86 5.88 -7.00 26.30
C LEU A 86 6.92 -6.47 27.29
N LYS A 87 7.51 -5.31 27.01
CA LYS A 87 8.55 -4.70 27.86
C LYS A 87 9.74 -5.64 28.02
N ILE A 88 10.18 -6.20 26.89
CA ILE A 88 11.28 -7.14 26.85
C ILE A 88 12.41 -6.55 26.01
N ASN A 89 13.56 -7.18 26.08
CA ASN A 89 14.75 -6.79 25.35
C ASN A 89 14.80 -7.51 24.01
N PRO A 90 15.59 -7.03 23.04
CA PRO A 90 15.74 -7.80 21.80
C PRO A 90 16.47 -9.10 22.03
N ASP A 91 17.53 -9.08 22.82
CA ASP A 91 18.23 -10.29 23.25
C ASP A 91 17.62 -10.81 24.55
N TRP A 92 16.33 -11.14 24.45
CA TRP A 92 15.57 -11.70 25.55
C TRP A 92 14.92 -12.97 25.05
N LYS A 93 15.11 -14.08 25.77
CA LYS A 93 14.65 -15.37 25.30
C LYS A 93 14.11 -16.17 26.47
N THR A 94 12.96 -16.80 26.25
CA THR A 94 12.40 -17.73 27.23
C THR A 94 12.16 -19.05 26.47
N HIS A 95 11.37 -19.94 27.07
CA HIS A 95 11.21 -21.30 26.58
C HIS A 95 9.99 -21.48 25.69
N ARG A 96 8.78 -21.32 26.25
CA ARG A 96 7.58 -21.78 25.57
C ARG A 96 6.66 -20.63 25.17
N LEU A 97 6.05 -20.80 23.99
CA LEU A 97 5.08 -19.88 23.42
C LEU A 97 3.91 -20.68 22.87
N LEU A 98 2.71 -20.14 23.05
CA LEU A 98 1.49 -20.79 22.55
C LEU A 98 0.59 -19.76 21.88
N ASP A 99 0.56 -19.74 20.55
CA ASP A 99 -0.35 -18.87 19.80
C ASP A 99 -1.60 -19.66 19.44
N LEU A 100 -2.69 -19.36 20.14
CA LEU A 100 -3.97 -19.99 19.89
C LEU A 100 -4.64 -19.33 18.69
N GLY A 101 -5.12 -20.14 17.76
CA GLY A 101 -5.68 -19.60 16.53
C GLY A 101 -4.63 -18.83 15.78
N ALA A 102 -3.54 -19.49 15.42
CA ALA A 102 -2.37 -18.81 14.90
C ALA A 102 -2.58 -18.33 13.46
N GLY A 103 -3.47 -18.97 12.72
CA GLY A 103 -3.75 -18.53 11.37
C GLY A 103 -2.69 -19.08 10.45
N ASP A 104 -2.07 -18.20 9.67
CA ASP A 104 -0.96 -18.60 8.81
C ASP A 104 0.39 -18.49 9.50
N GLY A 105 0.41 -18.01 10.75
CA GLY A 105 1.64 -18.00 11.52
C GLY A 105 2.54 -16.81 11.30
N GLU A 106 2.07 -15.76 10.61
CA GLU A 106 2.94 -14.64 10.33
C GLU A 106 3.11 -13.71 11.53
N VAL A 107 2.10 -13.65 12.41
CA VAL A 107 2.29 -12.93 13.66
C VAL A 107 2.98 -13.84 14.67
N THR A 108 2.72 -15.15 14.56
CA THR A 108 3.54 -16.09 15.33
C THR A 108 4.98 -16.03 14.86
N LYS A 109 5.19 -15.78 13.57
CA LYS A 109 6.56 -15.60 13.07
C LYS A 109 7.19 -14.35 13.69
N ILE A 110 6.43 -13.25 13.76
CA ILE A 110 6.97 -12.03 14.36
C ILE A 110 7.27 -12.23 15.86
N MET A 111 6.56 -13.13 16.53
CA MET A 111 6.87 -13.38 17.94
C MET A 111 7.89 -14.48 18.17
N SER A 112 8.19 -15.28 17.14
CA SER A 112 9.02 -16.47 17.32
C SER A 112 10.44 -16.20 17.83
N PRO A 113 11.20 -15.21 17.33
CA PRO A 113 12.64 -15.12 17.68
C PRO A 113 12.95 -15.12 19.17
N HIS A 114 12.00 -14.73 20.01
CA HIS A 114 12.22 -14.65 21.45
C HIS A 114 11.80 -15.92 22.17
N PHE A 115 11.78 -17.06 21.49
CA PHE A 115 11.28 -18.29 22.09
C PHE A 115 12.07 -19.48 21.56
N GLU A 116 12.22 -20.47 22.42
CA GLU A 116 12.89 -21.73 22.08
C GLU A 116 11.92 -22.80 21.64
N GLU A 117 10.68 -22.75 22.14
CA GLU A 117 9.63 -23.70 21.80
C GLU A 117 8.39 -22.91 21.41
N ILE A 118 7.96 -23.06 20.16
CA ILE A 118 6.81 -22.34 19.64
C ILE A 118 5.72 -23.36 19.34
N TYR A 119 4.64 -23.32 20.11
CA TYR A 119 3.49 -24.19 19.92
C TYR A 119 2.32 -23.39 19.35
N ALA A 120 1.37 -24.10 18.76
CA ALA A 120 0.28 -23.44 18.08
C ALA A 120 -0.93 -24.37 17.99
N THR A 121 -2.11 -23.77 17.90
CA THR A 121 -3.36 -24.47 17.70
C THR A 121 -4.12 -23.75 16.59
N GLU A 122 -4.77 -24.51 15.72
CA GLU A 122 -5.52 -23.94 14.61
C GLU A 122 -6.65 -24.89 14.25
N LEU A 123 -7.67 -24.34 13.59
CA LEU A 123 -8.85 -25.10 13.23
C LEU A 123 -9.05 -25.29 11.74
N SER A 124 -8.28 -24.59 10.89
CA SER A 124 -8.33 -24.79 9.45
C SER A 124 -7.08 -25.56 9.02
N GLU A 125 -7.27 -26.80 8.56
CA GLU A 125 -6.13 -27.65 8.22
C GLU A 125 -5.25 -27.02 7.14
N THR A 126 -5.85 -26.26 6.21
CA THR A 126 -5.07 -25.61 5.17
C THR A 126 -4.04 -24.65 5.78
N MET A 127 -4.42 -23.91 6.80
CA MET A 127 -3.47 -23.05 7.51
C MET A 127 -2.61 -23.85 8.47
N ILE A 128 -3.10 -24.99 8.95
CA ILE A 128 -2.28 -25.88 9.77
C ILE A 128 -1.08 -26.36 8.97
N TRP A 129 -1.28 -26.65 7.68
CA TRP A 129 -0.16 -27.05 6.84
C TRP A 129 0.87 -25.92 6.70
N GLN A 130 0.39 -24.67 6.65
CA GLN A 130 1.34 -23.56 6.57
C GLN A 130 2.09 -23.37 7.87
N LEU A 131 1.41 -23.58 9.00
CA LEU A 131 2.11 -23.55 10.30
C LEU A 131 3.15 -24.65 10.37
N GLN A 132 2.80 -25.85 9.89
CA GLN A 132 3.72 -26.97 9.93
C GLN A 132 4.89 -26.74 8.98
N LYS A 133 4.64 -26.10 7.84
CA LYS A 133 5.71 -25.77 6.91
C LYS A 133 6.63 -24.72 7.49
N LYS A 134 6.18 -23.98 8.50
CA LYS A 134 7.04 -23.11 9.28
C LYS A 134 7.66 -23.84 10.47
N LYS A 135 7.48 -25.16 10.54
CA LYS A 135 8.05 -26.03 11.56
C LYS A 135 7.58 -25.61 12.97
N TYR A 136 6.26 -25.65 13.16
CA TYR A 136 5.65 -25.39 14.45
C TYR A 136 4.96 -26.65 14.95
N ARG A 137 4.99 -26.86 16.27
CA ARG A 137 4.37 -28.05 16.87
C ARG A 137 2.87 -27.81 17.04
N VAL A 138 2.09 -28.35 16.11
CA VAL A 138 0.66 -28.09 16.06
C VAL A 138 -0.04 -28.92 17.14
N LEU A 139 -0.68 -28.22 18.09
CA LEU A 139 -1.50 -28.84 19.10
C LEU A 139 -2.97 -28.82 18.70
N GLY A 140 -3.79 -29.49 19.49
CA GLY A 140 -5.22 -29.55 19.23
C GLY A 140 -5.99 -28.47 20.00
N ILE A 141 -7.30 -28.45 19.77
CA ILE A 141 -8.14 -27.51 20.49
C ILE A 141 -8.30 -27.95 21.93
N ASN A 142 -8.04 -29.23 22.21
CA ASN A 142 -8.13 -29.80 23.55
C ASN A 142 -6.79 -30.38 24.01
N GLU A 143 -5.69 -30.03 23.35
CA GLU A 143 -4.38 -30.58 23.71
C GLU A 143 -3.47 -29.59 24.39
N TRP A 144 -3.56 -28.31 24.04
CA TRP A 144 -2.69 -27.31 24.64
C TRP A 144 -2.96 -27.14 26.13
N GLN A 145 -4.20 -27.44 26.55
CA GLN A 145 -4.60 -27.25 27.94
C GLN A 145 -4.14 -28.40 28.83
N ASN A 146 -4.20 -29.63 28.33
CA ASN A 146 -3.90 -30.79 29.16
C ASN A 146 -2.62 -31.48 28.70
N THR A 147 -1.49 -30.79 28.73
CA THR A 147 -0.24 -31.32 28.19
C THR A 147 0.80 -31.70 29.23
N GLY A 148 0.83 -31.01 30.37
CA GLY A 148 1.84 -31.23 31.38
C GLY A 148 2.86 -30.11 31.46
N PHE A 149 2.97 -29.28 30.44
CA PHE A 149 3.83 -28.12 30.47
C PHE A 149 3.11 -26.93 31.11
N GLN A 150 3.87 -25.88 31.39
CA GLN A 150 3.33 -24.58 31.79
C GLN A 150 4.00 -23.54 30.90
N TYR A 151 3.26 -23.03 29.92
CA TYR A 151 3.85 -22.14 28.93
C TYR A 151 4.25 -20.81 29.55
N ASP A 152 5.35 -20.26 29.04
CA ASP A 152 5.84 -18.97 29.52
C ASP A 152 5.05 -17.82 28.92
N VAL A 153 4.76 -17.87 27.61
CA VAL A 153 3.97 -16.83 26.98
C VAL A 153 2.83 -17.48 26.21
N ILE A 154 1.60 -17.05 26.49
CA ILE A 154 0.43 -17.52 25.75
C ILE A 154 -0.20 -16.33 25.05
N SER A 155 -0.42 -16.45 23.75
CA SER A 155 -0.99 -15.39 22.93
C SER A 155 -2.27 -15.89 22.28
N CYS A 156 -3.38 -15.26 22.62
CA CYS A 156 -4.67 -15.56 22.00
C CYS A 156 -5.06 -14.39 21.12
N LEU A 157 -4.18 -14.03 20.18
CA LEU A 157 -4.40 -12.86 19.34
C LEU A 157 -5.56 -13.11 18.38
N ASN A 158 -6.65 -12.36 18.57
CA ASN A 158 -7.78 -12.33 17.64
C ASN A 158 -8.44 -13.71 17.52
N LEU A 159 -8.76 -14.29 18.67
CA LEU A 159 -9.49 -15.55 18.70
C LEU A 159 -10.79 -15.49 19.51
N LEU A 160 -10.92 -14.53 20.44
CA LEU A 160 -12.14 -14.44 21.23
C LEU A 160 -13.35 -14.09 20.37
N ASP A 161 -13.16 -13.29 19.32
CA ASP A 161 -14.25 -13.03 18.39
C ASP A 161 -14.69 -14.30 17.69
N ARG A 162 -13.76 -15.24 17.49
CA ARG A 162 -13.96 -16.38 16.62
C ARG A 162 -13.98 -17.69 17.40
N CYS A 163 -14.47 -17.66 18.63
CA CYS A 163 -14.46 -18.83 19.51
C CYS A 163 -15.87 -19.11 20.01
N ASP A 164 -16.09 -20.35 20.45
CA ASP A 164 -17.40 -20.74 20.98
C ASP A 164 -17.51 -20.57 22.49
N GLN A 165 -16.39 -20.69 23.21
CA GLN A 165 -16.38 -20.53 24.66
C GLN A 165 -15.14 -19.73 25.03
N PRO A 166 -15.22 -18.39 24.96
CA PRO A 166 -14.02 -17.59 25.23
C PRO A 166 -13.65 -17.51 26.69
N LEU A 167 -14.62 -17.38 27.61
CA LEU A 167 -14.29 -17.35 29.03
C LEU A 167 -13.71 -18.68 29.49
N THR A 168 -14.26 -19.79 28.98
CA THR A 168 -13.67 -21.10 29.22
C THR A 168 -12.23 -21.13 28.74
N LEU A 169 -11.97 -20.53 27.57
CA LEU A 169 -10.61 -20.47 27.05
C LEU A 169 -9.71 -19.63 27.94
N LEU A 170 -10.23 -18.51 28.46
CA LEU A 170 -9.43 -17.67 29.35
C LEU A 170 -9.03 -18.44 30.61
N LYS A 171 -9.98 -19.15 31.22
CA LYS A 171 -9.66 -19.96 32.38
C LYS A 171 -8.66 -21.06 32.01
N ASP A 172 -8.81 -21.64 30.82
CA ASP A 172 -7.87 -22.67 30.37
C ASP A 172 -6.46 -22.09 30.23
N ILE A 173 -6.36 -20.86 29.71
CA ILE A 173 -5.07 -20.19 29.63
C ILE A 173 -4.50 -19.98 31.03
N ARG A 174 -5.33 -19.49 31.96
CA ARG A 174 -4.92 -19.37 33.35
C ARG A 174 -4.40 -20.69 33.90
N SER A 175 -4.91 -21.81 33.39
CA SER A 175 -4.48 -23.11 33.92
C SER A 175 -3.02 -23.41 33.58
N VAL A 176 -2.62 -23.23 32.33
CA VAL A 176 -1.31 -23.73 31.90
C VAL A 176 -0.33 -22.60 31.68
N LEU A 177 -0.46 -21.51 32.43
CA LEU A 177 0.46 -20.40 32.30
C LEU A 177 1.35 -20.34 33.54
N GLU A 178 2.63 -20.06 33.32
CA GLU A 178 3.56 -19.98 34.42
C GLU A 178 3.16 -18.83 35.35
N PRO A 179 2.91 -19.11 36.64
CA PRO A 179 2.38 -18.06 37.51
C PRO A 179 3.34 -16.91 37.77
N THR A 180 4.64 -17.19 37.88
CA THR A 180 5.58 -16.16 38.31
C THR A 180 5.89 -15.14 37.22
N ARG A 181 6.35 -15.60 36.06
CA ARG A 181 6.79 -14.69 35.00
C ARG A 181 6.10 -15.00 33.68
N GLY A 182 4.88 -15.50 33.72
CA GLY A 182 4.15 -15.87 32.52
C GLY A 182 3.11 -14.83 32.16
N ARG A 183 3.06 -14.46 30.89
CA ARG A 183 2.18 -13.41 30.43
C ARG A 183 1.31 -13.90 29.27
N VAL A 184 0.20 -13.19 29.07
CA VAL A 184 -0.75 -13.49 28.02
C VAL A 184 -0.81 -12.28 27.10
N ILE A 185 -0.50 -12.49 25.84
CA ILE A 185 -0.68 -11.49 24.79
C ILE A 185 -2.02 -11.75 24.14
N LEU A 186 -2.94 -10.81 24.26
CA LEU A 186 -4.29 -10.97 23.76
C LEU A 186 -4.63 -9.79 22.86
N ALA A 187 -5.54 -10.01 21.91
CA ALA A 187 -5.89 -8.95 20.98
C ALA A 187 -7.36 -9.11 20.62
N LEU A 188 -8.08 -7.99 20.64
CA LEU A 188 -9.50 -8.00 20.31
C LEU A 188 -9.83 -6.90 19.32
N VAL A 189 -10.71 -7.20 18.38
CA VAL A 189 -11.23 -6.17 17.50
C VAL A 189 -12.37 -5.48 18.24
N LEU A 190 -12.13 -4.24 18.66
CA LEU A 190 -13.13 -3.43 19.35
C LEU A 190 -13.60 -2.34 18.40
N PRO A 191 -14.89 -2.25 18.07
CA PRO A 191 -16.06 -2.87 18.72
C PRO A 191 -16.14 -4.40 18.62
N PHE A 192 -16.51 -5.04 19.72
CA PHE A 192 -16.56 -6.50 19.82
C PHE A 192 -17.55 -7.07 18.82
N HIS A 193 -17.04 -7.84 17.87
CA HIS A 193 -17.84 -8.51 16.84
C HIS A 193 -17.59 -10.00 16.92
N PRO A 194 -18.34 -10.74 17.75
CA PRO A 194 -18.06 -12.17 17.95
C PRO A 194 -18.92 -13.07 17.09
N TYR A 195 -18.27 -13.98 16.36
CA TYR A 195 -19.00 -14.92 15.50
C TYR A 195 -18.13 -16.15 15.28
N VAL A 196 -18.79 -17.26 14.97
CA VAL A 196 -18.14 -18.54 14.67
C VAL A 196 -18.36 -18.82 13.20
N GLU A 197 -17.26 -19.04 12.47
CA GLU A 197 -17.35 -19.12 11.02
C GLU A 197 -17.98 -20.44 10.57
N ASN A 198 -18.43 -20.44 9.32
CA ASN A 198 -19.02 -21.61 8.68
C ASN A 198 -18.58 -21.59 7.22
N VAL A 199 -19.19 -22.44 6.40
CA VAL A 199 -18.79 -22.55 5.01
C VAL A 199 -19.25 -21.35 4.21
N GLY A 200 -18.39 -20.85 3.33
CA GLY A 200 -18.73 -19.77 2.42
C GLY A 200 -18.72 -18.37 3.01
N GLY A 201 -18.16 -18.18 4.21
CA GLY A 201 -18.17 -16.86 4.82
C GLY A 201 -19.42 -16.53 5.59
N LYS A 202 -20.08 -17.52 6.17
CA LYS A 202 -21.27 -17.34 6.98
C LYS A 202 -20.89 -17.29 8.47
N TRP A 203 -21.54 -16.40 9.22
CA TRP A 203 -21.31 -16.32 10.64
C TRP A 203 -22.22 -17.29 11.41
N GLU A 204 -21.97 -17.37 12.72
CA GLU A 204 -22.75 -18.18 13.65
C GLU A 204 -22.46 -17.64 15.04
N LYS A 205 -23.50 -17.45 15.85
CA LYS A 205 -23.22 -16.79 17.12
C LYS A 205 -22.52 -17.72 18.10
N PRO A 206 -21.71 -17.18 19.01
CA PRO A 206 -20.98 -18.02 19.96
C PRO A 206 -21.90 -18.59 21.02
N SER A 207 -21.43 -19.65 21.67
CA SER A 207 -22.17 -20.26 22.76
C SER A 207 -21.87 -19.61 24.10
N GLU A 208 -20.83 -18.78 24.14
CA GLU A 208 -20.51 -17.93 25.29
C GLU A 208 -20.19 -16.55 24.74
N ILE A 209 -20.98 -15.56 25.15
CA ILE A 209 -20.81 -14.19 24.67
C ILE A 209 -20.22 -13.36 25.81
N LEU A 210 -19.20 -12.56 25.48
CA LEU A 210 -18.52 -11.75 26.47
C LEU A 210 -19.28 -10.45 26.72
N GLU A 211 -19.27 -10.01 27.98
CA GLU A 211 -20.03 -8.84 28.40
C GLU A 211 -19.21 -7.55 28.24
N ILE A 212 -18.75 -7.32 27.03
CA ILE A 212 -17.98 -6.12 26.70
C ILE A 212 -18.98 -5.11 26.14
N LYS A 213 -19.57 -4.30 27.02
CA LYS A 213 -20.61 -3.36 26.62
C LYS A 213 -20.04 -1.96 26.50
N GLY A 214 -20.17 -1.38 25.33
CA GLY A 214 -19.66 -0.05 25.03
C GLY A 214 -20.06 0.33 23.63
N GLN A 215 -19.68 1.54 23.23
CA GLN A 215 -20.02 2.05 21.91
C GLN A 215 -18.81 2.40 21.06
N ASN A 216 -17.68 2.74 21.67
CA ASN A 216 -16.44 3.02 20.97
C ASN A 216 -15.34 2.13 21.55
N TRP A 217 -14.14 2.28 20.98
CA TRP A 217 -12.99 1.49 21.41
C TRP A 217 -12.72 1.70 22.90
N GLU A 218 -12.71 2.96 23.34
CA GLU A 218 -12.31 3.29 24.71
C GLU A 218 -13.28 2.72 25.74
N GLU A 219 -14.58 2.76 25.44
CA GLU A 219 -15.56 2.26 26.39
C GLU A 219 -15.45 0.74 26.54
N GLN A 220 -15.27 0.02 25.44
CA GLN A 220 -15.15 -1.42 25.53
C GLN A 220 -13.85 -1.84 26.22
N VAL A 221 -12.75 -1.14 25.96
CA VAL A 221 -11.54 -1.50 26.69
C VAL A 221 -11.70 -1.18 28.18
N ASN A 222 -12.53 -0.18 28.51
CA ASN A 222 -12.83 0.01 29.93
C ASN A 222 -13.68 -1.12 30.48
N SER A 223 -14.48 -1.76 29.64
CA SER A 223 -15.32 -2.87 30.09
C SER A 223 -14.57 -4.20 30.20
N LEU A 224 -13.45 -4.35 29.51
CA LEU A 224 -12.73 -5.63 29.51
C LEU A 224 -12.17 -6.11 30.86
N PRO A 225 -11.62 -5.23 31.74
CA PRO A 225 -11.12 -5.69 33.05
C PRO A 225 -11.96 -6.73 33.78
N GLU A 226 -13.28 -6.59 33.80
CA GLU A 226 -14.11 -7.56 34.52
C GLU A 226 -14.02 -8.94 33.90
N VAL A 227 -14.12 -9.01 32.57
CA VAL A 227 -14.01 -10.29 31.88
C VAL A 227 -12.66 -10.93 32.19
N PHE A 228 -11.59 -10.14 32.09
CA PHE A 228 -10.28 -10.70 32.41
C PHE A 228 -10.15 -11.10 33.87
N ARG A 229 -10.85 -10.39 34.76
CA ARG A 229 -10.80 -10.69 36.19
C ARG A 229 -11.47 -12.00 36.52
N LYS A 230 -12.53 -12.36 35.80
CA LYS A 230 -13.19 -13.63 36.10
C LYS A 230 -12.24 -14.81 35.92
N ALA A 231 -11.40 -14.78 34.89
CA ALA A 231 -10.51 -15.91 34.62
C ALA A 231 -9.36 -15.95 35.61
N GLY A 232 -8.69 -14.83 35.83
CA GLY A 232 -7.56 -14.79 36.73
C GLY A 232 -6.46 -13.84 36.27
N PHE A 233 -6.79 -12.99 35.30
CA PHE A 233 -5.80 -12.13 34.66
C PHE A 233 -6.07 -10.67 34.98
N VAL A 234 -5.01 -9.88 34.99
CA VAL A 234 -5.10 -8.44 35.13
C VAL A 234 -4.24 -7.80 34.05
N ILE A 235 -4.72 -6.69 33.50
CA ILE A 235 -3.96 -5.99 32.46
C ILE A 235 -2.75 -5.33 33.11
N GLU A 236 -1.56 -5.61 32.57
CA GLU A 236 -0.35 -4.93 32.98
C GLU A 236 0.12 -3.90 31.97
N ALA A 237 -0.24 -4.09 30.70
CA ALA A 237 0.05 -3.14 29.64
C ALA A 237 -0.88 -3.44 28.49
N PHE A 238 -1.12 -2.43 27.66
CA PHE A 238 -1.99 -2.59 26.51
C PHE A 238 -1.77 -1.44 25.53
N THR A 239 -2.11 -1.69 24.27
CA THR A 239 -1.82 -0.75 23.19
C THR A 239 -2.96 -0.78 22.17
N ARG A 240 -2.98 0.22 21.30
CA ARG A 240 -3.87 0.27 20.17
C ARG A 240 -3.06 0.08 18.91
N LEU A 241 -3.50 -0.81 18.05
CA LEU A 241 -2.80 -1.15 16.82
C LEU A 241 -3.81 -1.32 15.70
N PRO A 242 -3.36 -1.24 14.44
CA PRO A 242 -4.23 -1.64 13.32
C PRO A 242 -4.04 -3.10 12.98
N TYR A 243 -5.15 -3.81 12.78
CA TYR A 243 -5.12 -5.23 12.40
C TYR A 243 -5.18 -5.28 10.88
N LEU A 244 -4.01 -5.32 10.26
CA LEU A 244 -3.92 -5.14 8.82
C LEU A 244 -3.94 -6.48 8.09
N CYS A 245 -4.45 -6.45 6.87
CA CYS A 245 -4.55 -7.63 6.02
C CYS A 245 -4.24 -7.23 4.60
N GLU A 246 -3.72 -8.18 3.82
CA GLU A 246 -3.39 -7.90 2.44
C GLU A 246 -4.66 -7.54 1.65
N GLY A 247 -4.44 -7.06 0.43
CA GLY A 247 -5.50 -6.49 -0.35
C GLY A 247 -6.02 -7.43 -1.42
N ASP A 248 -7.13 -7.03 -2.01
CA ASP A 248 -7.73 -7.84 -3.06
C ASP A 248 -7.69 -7.11 -4.39
N MET A 249 -8.81 -7.11 -5.12
CA MET A 249 -8.87 -6.38 -6.36
C MET A 249 -9.57 -5.03 -6.22
N TYR A 250 -10.34 -4.85 -5.16
CA TYR A 250 -11.07 -3.61 -4.91
C TYR A 250 -10.28 -2.65 -4.04
N ASN A 251 -9.65 -3.15 -2.98
CA ASN A 251 -8.78 -2.35 -2.13
C ASN A 251 -7.38 -2.94 -2.15
N ASP A 252 -6.39 -2.13 -1.75
CA ASP A 252 -5.00 -2.56 -1.73
C ASP A 252 -4.57 -3.08 -0.37
N TYR A 253 -5.29 -2.72 0.69
CA TYR A 253 -4.97 -3.09 2.06
C TYR A 253 -6.25 -3.04 2.86
N TYR A 254 -6.28 -3.77 3.97
CA TYR A 254 -7.42 -3.74 4.87
C TYR A 254 -6.93 -3.57 6.30
N VAL A 255 -7.70 -2.84 7.10
CA VAL A 255 -7.31 -2.46 8.45
C VAL A 255 -8.50 -2.64 9.39
N LEU A 256 -8.22 -3.06 10.62
CA LEU A 256 -9.22 -3.20 11.65
C LEU A 256 -8.67 -2.66 12.96
N ASP A 257 -9.57 -2.23 13.84
CA ASP A 257 -9.18 -1.60 15.10
C ASP A 257 -8.97 -2.67 16.15
N ASP A 258 -7.71 -2.88 16.55
CA ASP A 258 -7.34 -3.89 17.53
C ASP A 258 -6.94 -3.23 18.84
N ALA A 259 -7.27 -3.90 19.94
CA ALA A 259 -6.83 -3.56 21.28
C ALA A 259 -6.01 -4.74 21.77
N VAL A 260 -4.71 -4.55 21.92
CA VAL A 260 -3.81 -5.60 22.36
C VAL A 260 -3.49 -5.36 23.83
N PHE A 261 -3.60 -6.43 24.62
CA PHE A 261 -3.36 -6.40 26.06
C PHE A 261 -2.28 -7.41 26.41
N VAL A 262 -1.49 -7.07 27.42
CA VAL A 262 -0.61 -8.01 28.09
C VAL A 262 -1.17 -8.24 29.48
N LEU A 263 -1.41 -9.50 29.82
CA LEU A 263 -2.10 -9.87 31.04
C LEU A 263 -1.15 -10.68 31.91
N LYS A 264 -1.20 -10.41 33.21
CA LYS A 264 -0.59 -10.90 34.44
C LYS A 264 -1.53 -11.89 35.12
N PRO A 265 -1.00 -12.95 35.75
CA PRO A 265 -1.87 -13.92 36.43
C PRO A 265 -2.47 -13.38 37.72
N ASN B 1 25.48 8.15 -14.67
CA ASN B 1 24.15 8.52 -14.17
C ASN B 1 23.99 10.03 -14.13
N HIS B 2 25.11 10.75 -14.08
CA HIS B 2 25.08 12.20 -14.30
C HIS B 2 24.58 12.52 -15.71
N GLN B 3 24.72 11.60 -16.65
CA GLN B 3 24.24 11.81 -18.02
C GLN B 3 22.73 12.03 -18.09
N TRP B 4 21.99 11.57 -17.09
CA TRP B 4 20.55 11.83 -17.05
C TRP B 4 20.21 13.16 -16.39
N TYR B 5 21.19 13.82 -15.76
CA TYR B 5 20.94 15.04 -15.00
C TYR B 5 21.69 16.26 -15.54
N VAL B 6 22.35 16.14 -16.69
CA VAL B 6 23.23 17.19 -17.22
C VAL B 6 22.51 18.04 -18.25
N CYS B 7 22.92 19.30 -18.35
CA CYS B 7 22.47 20.19 -19.39
C CYS B 7 23.59 21.16 -19.73
N ASN B 8 23.80 21.40 -21.03
CA ASN B 8 24.73 22.43 -21.49
C ASN B 8 23.98 23.75 -21.54
N ARG B 9 24.13 24.55 -20.48
CA ARG B 9 23.41 25.81 -20.36
C ARG B 9 23.87 26.86 -21.38
N GLU B 10 25.01 26.64 -22.03
CA GLU B 10 25.44 27.56 -23.09
C GLU B 10 24.65 27.36 -24.37
N LYS B 11 24.01 26.22 -24.56
CA LYS B 11 23.10 25.98 -25.68
C LYS B 11 21.65 26.25 -25.33
N LEU B 12 21.39 26.90 -24.20
CA LEU B 12 20.06 27.33 -23.81
C LEU B 12 19.92 28.83 -23.97
N CYS B 13 18.67 29.28 -24.15
CA CYS B 13 18.38 30.71 -24.16
C CYS B 13 18.58 31.29 -22.76
N GLU B 14 19.08 32.52 -22.71
CA GLU B 14 19.26 33.20 -21.43
C GLU B 14 17.99 33.13 -20.58
N SER B 15 16.83 33.29 -21.23
CA SER B 15 15.56 33.12 -20.53
C SER B 15 15.49 31.78 -19.84
N LEU B 16 15.68 30.69 -20.59
CA LEU B 16 15.63 29.38 -19.96
C LEU B 16 16.84 29.12 -19.06
N GLN B 17 17.97 29.79 -19.32
CA GLN B 17 19.11 29.63 -18.42
C GLN B 17 18.81 30.19 -17.04
N ALA B 18 17.94 31.19 -16.96
CA ALA B 18 17.68 31.79 -15.65
C ALA B 18 16.73 30.94 -14.82
N VAL B 19 15.81 30.22 -15.46
CA VAL B 19 14.80 29.44 -14.74
C VAL B 19 15.18 27.97 -14.61
N PHE B 20 16.40 27.58 -15.01
CA PHE B 20 16.77 26.17 -14.97
C PHE B 20 17.00 25.71 -13.54
N VAL B 21 16.74 24.43 -13.31
CA VAL B 21 16.97 23.77 -12.04
C VAL B 21 17.73 22.47 -12.29
N GLN B 22 18.88 22.31 -11.64
CA GLN B 22 19.66 21.09 -11.78
C GLN B 22 19.22 20.06 -10.75
N SER B 23 19.18 18.80 -11.17
CA SER B 23 18.88 17.70 -10.28
C SER B 23 20.06 16.74 -10.26
N TYR B 24 20.08 15.89 -9.23
CA TYR B 24 21.04 14.81 -9.08
C TYR B 24 20.27 13.59 -8.60
N LEU B 25 20.98 12.47 -8.45
CA LEU B 25 20.34 11.29 -7.91
C LEU B 25 19.94 11.52 -6.46
N ASP B 26 18.77 11.01 -6.10
CA ASP B 26 18.16 11.21 -4.79
C ASP B 26 18.05 9.86 -4.10
N GLN B 27 17.85 9.88 -2.78
CA GLN B 27 17.55 8.63 -2.07
C GLN B 27 16.31 7.96 -2.65
N GLY B 28 15.35 8.74 -3.15
CA GLY B 28 14.15 8.16 -3.74
C GLY B 28 14.43 7.49 -5.07
N THR B 29 15.25 8.12 -5.91
CA THR B 29 15.65 7.50 -7.16
C THR B 29 16.38 6.18 -6.90
N GLN B 30 17.29 6.17 -5.92
CA GLN B 30 18.00 4.93 -5.58
C GLN B 30 17.05 3.88 -5.03
N ILE B 31 16.05 4.30 -4.24
CA ILE B 31 15.05 3.35 -3.75
C ILE B 31 14.31 2.70 -4.92
N PHE B 32 13.90 3.52 -5.88
CA PHE B 32 13.20 2.99 -7.05
C PHE B 32 14.09 2.00 -7.80
N LEU B 33 15.35 2.36 -8.01
CA LEU B 33 16.24 1.47 -8.76
C LEU B 33 16.47 0.16 -8.02
N ASN B 34 16.61 0.23 -6.70
CA ASN B 34 16.76 -0.99 -5.90
C ASN B 34 15.53 -1.89 -6.05
N ASN B 35 14.34 -1.31 -5.92
CA ASN B 35 13.14 -2.12 -6.08
C ASN B 35 13.02 -2.71 -7.48
N SER B 36 13.46 -1.98 -8.51
CA SER B 36 13.42 -2.54 -9.86
C SER B 36 14.41 -3.68 -10.02
N ILE B 37 15.55 -3.60 -9.34
CA ILE B 37 16.54 -4.68 -9.40
C ILE B 37 15.98 -5.93 -8.72
N GLU B 38 15.39 -5.77 -7.55
CA GLU B 38 14.80 -6.92 -6.86
C GLU B 38 13.64 -7.51 -7.64
N LYS B 39 12.83 -6.66 -8.27
CA LYS B 39 11.68 -7.13 -9.05
C LYS B 39 12.10 -7.77 -10.37
N SER B 40 13.33 -7.52 -10.83
CA SER B 40 13.82 -8.15 -12.05
C SER B 40 14.49 -9.50 -11.79
N GLY B 41 14.41 -10.04 -10.58
CA GLY B 41 15.09 -11.29 -10.26
C GLY B 41 14.26 -12.55 -10.34
N TRP B 42 12.95 -12.44 -10.15
CA TRP B 42 12.06 -13.59 -10.04
C TRP B 42 11.72 -14.09 -11.44
N LEU B 43 12.39 -15.17 -11.87
CA LEU B 43 12.25 -15.58 -13.27
C LEU B 43 10.86 -16.12 -13.56
N PHE B 44 10.26 -16.85 -12.62
CA PHE B 44 8.91 -17.38 -12.88
C PHE B 44 7.93 -16.25 -13.11
N ILE B 45 8.07 -15.16 -12.36
CA ILE B 45 7.20 -14.02 -12.53
C ILE B 45 7.34 -13.45 -13.93
N GLN B 46 8.57 -13.40 -14.44
CA GLN B 46 8.81 -12.91 -15.79
C GLN B 46 8.30 -13.87 -16.87
N LEU B 47 8.39 -15.19 -16.65
CA LEU B 47 7.83 -16.10 -17.65
C LEU B 47 6.31 -16.02 -17.68
N TYR B 48 5.70 -15.96 -16.50
CA TYR B 48 4.27 -15.68 -16.39
C TYR B 48 3.90 -14.43 -17.19
N HIS B 49 4.58 -13.32 -16.89
CA HIS B 49 4.34 -12.07 -17.59
C HIS B 49 4.49 -12.21 -19.11
N SER B 50 5.53 -12.90 -19.57
CA SER B 50 5.78 -12.99 -21.01
C SER B 50 4.70 -13.82 -21.71
N PHE B 51 4.34 -14.96 -21.12
CA PHE B 51 3.28 -15.78 -21.71
C PHE B 51 1.97 -15.00 -21.79
N VAL B 52 1.55 -14.41 -20.67
CA VAL B 52 0.32 -13.63 -20.64
C VAL B 52 0.40 -12.45 -21.60
N SER B 53 1.57 -11.81 -21.69
CA SER B 53 1.77 -10.70 -22.62
C SER B 53 1.47 -11.14 -24.05
N SER B 54 2.08 -12.23 -24.49
CA SER B 54 1.84 -12.69 -25.85
C SER B 54 0.37 -13.03 -26.06
N VAL B 55 -0.24 -13.77 -25.13
CA VAL B 55 -1.62 -14.19 -25.31
C VAL B 55 -2.57 -12.99 -25.40
N PHE B 56 -2.44 -12.03 -24.48
CA PHE B 56 -3.39 -10.93 -24.42
C PHE B 56 -3.09 -9.84 -25.44
N SER B 57 -1.81 -9.69 -25.82
CA SER B 57 -1.44 -8.75 -26.88
C SER B 57 -2.24 -9.00 -28.15
N LEU B 58 -2.67 -10.25 -28.38
CA LEU B 58 -3.53 -10.52 -29.52
C LEU B 58 -4.88 -9.81 -29.43
N PHE B 59 -5.26 -9.30 -28.24
CA PHE B 59 -6.51 -8.55 -28.12
C PHE B 59 -6.46 -7.53 -26.98
N MET B 60 -5.30 -6.94 -26.72
CA MET B 60 -5.20 -5.91 -25.69
C MET B 60 -4.07 -4.96 -26.03
N SER B 61 -4.03 -3.85 -25.30
CA SER B 61 -2.99 -2.84 -25.45
C SER B 61 -1.85 -3.13 -24.49
N ARG B 62 -0.65 -2.68 -24.86
CA ARG B 62 0.53 -2.93 -24.03
C ARG B 62 0.40 -2.27 -22.66
N THR B 63 -0.12 -1.04 -22.62
CA THR B 63 -0.38 -0.39 -21.33
C THR B 63 -1.45 -1.13 -20.53
N SER B 64 -2.52 -1.58 -21.19
CA SER B 64 -3.55 -2.37 -20.51
C SER B 64 -2.99 -3.69 -20.01
N ILE B 65 -2.08 -4.32 -20.78
CA ILE B 65 -1.46 -5.56 -20.34
C ILE B 65 -0.64 -5.33 -19.09
N ASN B 66 0.23 -4.31 -19.13
CA ASN B 66 1.04 -4.01 -17.96
C ASN B 66 0.20 -3.52 -16.78
N GLY B 67 -1.02 -3.05 -17.02
CA GLY B 67 -1.90 -2.68 -15.93
C GLY B 67 -2.69 -3.83 -15.35
N LEU B 68 -2.91 -4.90 -16.13
CA LEU B 68 -3.55 -6.08 -15.57
C LEU B 68 -2.59 -6.85 -14.68
N LEU B 69 -1.30 -6.77 -14.95
CA LEU B 69 -0.29 -7.55 -14.24
C LEU B 69 0.34 -6.79 -13.08
N GLY B 70 -0.02 -5.51 -12.88
CA GLY B 70 0.61 -4.73 -11.83
C GLY B 70 2.09 -4.50 -12.05
N ARG B 71 2.54 -4.61 -13.30
CA ARG B 71 3.93 -4.47 -13.68
C ARG B 71 4.16 -3.11 -14.33
N GLY B 72 5.43 -2.77 -14.52
CA GLY B 72 5.81 -1.62 -15.32
C GLY B 72 5.52 -0.28 -14.70
N SER B 73 5.61 -0.16 -13.38
CA SER B 73 5.52 1.14 -12.73
C SER B 73 6.70 2.00 -13.16
N MET B 74 6.56 3.32 -13.01
CA MET B 74 7.55 4.24 -13.51
C MET B 74 7.92 5.25 -12.44
N PHE B 75 8.90 6.09 -12.75
CA PHE B 75 9.44 7.08 -11.82
C PHE B 75 9.83 8.31 -12.62
N VAL B 76 9.29 9.47 -12.23
CA VAL B 76 9.60 10.74 -12.89
C VAL B 76 10.44 11.63 -11.98
N PHE B 77 9.92 11.96 -10.80
CA PHE B 77 10.66 12.72 -9.81
C PHE B 77 10.51 12.05 -8.45
N SER B 78 11.24 12.56 -7.48
CA SER B 78 11.16 12.17 -6.08
C SER B 78 10.53 13.27 -5.26
N PRO B 79 10.15 12.98 -4.01
CA PRO B 79 9.66 14.06 -3.12
C PRO B 79 10.60 15.26 -3.06
N ASP B 80 11.91 15.01 -2.92
CA ASP B 80 12.89 16.09 -2.85
C ASP B 80 12.83 16.97 -4.09
N GLN B 81 12.95 16.36 -5.27
CA GLN B 81 12.95 17.13 -6.50
C GLN B 81 11.62 17.84 -6.72
N PHE B 82 10.50 17.15 -6.45
CA PHE B 82 9.19 17.76 -6.63
C PHE B 82 9.03 18.99 -5.75
N GLN B 83 9.48 18.91 -4.50
CA GLN B 83 9.36 20.03 -3.58
C GLN B 83 10.31 21.16 -3.94
N ARG B 84 11.55 20.84 -4.31
CA ARG B 84 12.52 21.89 -4.63
C ARG B 84 12.22 22.57 -5.95
N LEU B 85 11.53 21.90 -6.87
CA LEU B 85 11.18 22.52 -8.14
C LEU B 85 9.89 23.31 -8.02
N LEU B 86 8.86 22.72 -7.37
CA LEU B 86 7.63 23.46 -7.13
C LEU B 86 7.81 24.61 -6.15
N LYS B 87 8.99 24.74 -5.52
CA LYS B 87 9.27 25.77 -4.52
C LYS B 87 8.31 25.66 -3.34
N ILE B 88 8.14 24.43 -2.84
CA ILE B 88 7.24 24.16 -1.73
C ILE B 88 8.02 23.54 -0.57
N ASN B 89 7.34 23.49 0.58
CA ASN B 89 7.77 22.95 1.86
C ASN B 89 7.34 21.49 1.98
N PRO B 90 7.99 20.71 2.85
CA PRO B 90 7.46 19.37 3.12
C PRO B 90 6.13 19.40 3.85
N ASP B 91 6.00 20.25 4.87
CA ASP B 91 4.71 20.49 5.53
C ASP B 91 3.98 21.65 4.84
N TRP B 92 3.71 21.44 3.56
CA TRP B 92 2.99 22.38 2.72
C TRP B 92 1.87 21.64 2.04
N LYS B 93 0.64 22.15 2.15
CA LYS B 93 -0.52 21.42 1.67
C LYS B 93 -1.51 22.36 1.01
N THR B 94 -2.06 21.90 -0.12
CA THR B 94 -3.13 22.57 -0.84
C THR B 94 -4.32 21.61 -0.96
N HIS B 95 -5.32 22.02 -1.74
CA HIS B 95 -6.60 21.32 -1.76
C HIS B 95 -6.70 20.30 -2.90
N ARG B 96 -6.59 20.75 -4.15
CA ARG B 96 -6.87 19.88 -5.30
C ARG B 96 -5.67 19.65 -6.20
N LEU B 97 -5.60 18.42 -6.70
CA LEU B 97 -4.59 17.94 -7.63
C LEU B 97 -5.27 17.17 -8.75
N LEU B 98 -4.74 17.33 -9.97
CA LEU B 98 -5.29 16.64 -11.14
C LEU B 98 -4.13 16.07 -11.96
N ASP B 99 -3.93 14.75 -11.87
CA ASP B 99 -2.91 14.05 -12.66
C ASP B 99 -3.58 13.48 -13.91
N LEU B 100 -3.34 14.13 -15.05
CA LEU B 100 -3.87 13.64 -16.32
C LEU B 100 -2.99 12.53 -16.87
N GLY B 101 -3.61 11.40 -17.22
CA GLY B 101 -2.85 10.25 -17.67
C GLY B 101 -1.85 9.75 -16.64
N ALA B 102 -2.35 9.44 -15.45
CA ALA B 102 -1.47 9.12 -14.32
C ALA B 102 -0.88 7.72 -14.39
N GLY B 103 -1.55 6.79 -15.07
CA GLY B 103 -1.05 5.43 -15.17
C GLY B 103 -1.47 4.58 -13.99
N ASP B 104 -0.51 3.97 -13.33
CA ASP B 104 -0.78 3.14 -12.16
C ASP B 104 -0.76 3.91 -10.85
N GLY B 105 -0.49 5.22 -10.89
CA GLY B 105 -0.55 6.03 -9.70
C GLY B 105 0.69 6.00 -8.84
N GLU B 106 1.78 5.39 -9.32
CA GLU B 106 3.01 5.32 -8.55
C GLU B 106 3.83 6.60 -8.63
N VAL B 107 3.61 7.42 -9.65
CA VAL B 107 4.16 8.77 -9.63
C VAL B 107 3.20 9.76 -8.97
N THR B 108 1.89 9.51 -9.05
CA THR B 108 0.91 10.33 -8.33
C THR B 108 1.09 10.24 -6.82
N LYS B 109 1.53 9.08 -6.32
CA LYS B 109 1.74 8.93 -4.88
C LYS B 109 2.77 9.93 -4.36
N ILE B 110 3.82 10.21 -5.14
CA ILE B 110 4.84 11.15 -4.71
C ILE B 110 4.25 12.53 -4.48
N MET B 111 3.17 12.85 -5.18
CA MET B 111 2.48 14.12 -5.02
C MET B 111 1.31 14.04 -4.05
N SER B 112 0.91 12.83 -3.65
CA SER B 112 -0.29 12.69 -2.81
C SER B 112 -0.19 13.41 -1.47
N PRO B 113 0.90 13.30 -0.69
CA PRO B 113 0.89 13.89 0.66
C PRO B 113 0.62 15.38 0.70
N HIS B 114 0.88 16.11 -0.39
CA HIS B 114 0.74 17.57 -0.40
C HIS B 114 -0.62 18.02 -0.90
N PHE B 115 -1.63 17.15 -0.86
CA PHE B 115 -2.94 17.49 -1.39
C PHE B 115 -4.01 16.81 -0.54
N GLU B 116 -5.16 17.47 -0.43
CA GLU B 116 -6.30 16.93 0.28
C GLU B 116 -7.30 16.26 -0.65
N GLU B 117 -7.38 16.69 -1.90
CA GLU B 117 -8.27 16.12 -2.91
C GLU B 117 -7.43 15.80 -4.14
N ILE B 118 -7.31 14.51 -4.46
CA ILE B 118 -6.45 14.05 -5.55
C ILE B 118 -7.32 13.42 -6.64
N TYR B 119 -7.37 14.07 -7.81
CA TYR B 119 -8.14 13.61 -8.95
C TYR B 119 -7.20 13.10 -10.04
N ALA B 120 -7.72 12.28 -10.94
CA ALA B 120 -6.89 11.63 -11.94
C ALA B 120 -7.73 11.24 -13.15
N THR B 121 -7.06 11.15 -14.30
CA THR B 121 -7.70 10.71 -15.55
C THR B 121 -6.82 9.68 -16.24
N GLU B 122 -7.45 8.65 -16.82
CA GLU B 122 -6.74 7.63 -17.58
C GLU B 122 -7.70 7.05 -18.61
N LEU B 123 -7.13 6.46 -19.65
CA LEU B 123 -7.90 5.87 -20.74
C LEU B 123 -7.73 4.36 -20.86
N SER B 124 -6.85 3.75 -20.07
CA SER B 124 -6.68 2.31 -20.04
C SER B 124 -7.44 1.74 -18.86
N GLU B 125 -8.44 0.90 -19.15
CA GLU B 125 -9.38 0.44 -18.13
C GLU B 125 -8.68 -0.24 -16.96
N THR B 126 -7.68 -1.07 -17.24
CA THR B 126 -6.94 -1.72 -16.17
C THR B 126 -6.23 -0.71 -15.30
N MET B 127 -5.69 0.34 -15.92
CA MET B 127 -5.02 1.38 -15.15
C MET B 127 -6.03 2.25 -14.43
N ILE B 128 -7.26 2.35 -14.95
CA ILE B 128 -8.32 3.01 -14.19
C ILE B 128 -8.61 2.24 -12.91
N TRP B 129 -8.62 0.90 -12.99
CA TRP B 129 -8.78 0.09 -11.78
C TRP B 129 -7.63 0.29 -10.82
N GLN B 130 -6.41 0.42 -11.35
CA GLN B 130 -5.26 0.63 -10.49
C GLN B 130 -5.30 2.00 -9.81
N LEU B 131 -5.73 3.03 -10.52
CA LEU B 131 -5.92 4.33 -9.89
C LEU B 131 -7.01 4.27 -8.82
N GLN B 132 -8.11 3.57 -9.10
CA GLN B 132 -9.20 3.53 -8.12
C GLN B 132 -8.85 2.75 -6.86
N LYS B 133 -8.03 1.69 -6.96
CA LYS B 133 -7.67 0.99 -5.73
C LYS B 133 -6.84 1.83 -4.78
N LYS B 134 -6.22 2.90 -5.26
CA LYS B 134 -5.52 3.84 -4.40
C LYS B 134 -6.44 4.93 -3.88
N LYS B 135 -7.75 4.78 -4.11
CA LYS B 135 -8.76 5.74 -3.66
C LYS B 135 -8.48 7.13 -4.21
N TYR B 136 -8.46 7.20 -5.53
CA TYR B 136 -8.34 8.45 -6.27
C TYR B 136 -9.64 8.71 -7.00
N ARG B 137 -10.01 9.99 -7.09
CA ARG B 137 -11.27 10.36 -7.74
C ARG B 137 -10.98 10.43 -9.23
N VAL B 138 -11.22 9.32 -9.92
CA VAL B 138 -10.91 9.24 -11.34
C VAL B 138 -12.01 9.95 -12.12
N LEU B 139 -11.66 11.04 -12.79
CA LEU B 139 -12.60 11.73 -13.65
C LEU B 139 -12.43 11.22 -15.07
N GLY B 140 -13.30 11.69 -15.97
CA GLY B 140 -13.22 11.27 -17.35
C GLY B 140 -12.37 12.21 -18.18
N ILE B 141 -12.17 11.84 -19.44
CA ILE B 141 -11.38 12.67 -20.34
C ILE B 141 -12.17 13.88 -20.81
N ASN B 142 -13.51 13.85 -20.71
CA ASN B 142 -14.34 14.96 -21.15
C ASN B 142 -15.14 15.57 -20.00
N GLU B 143 -14.83 15.19 -18.76
CA GLU B 143 -15.52 15.70 -17.59
C GLU B 143 -14.65 16.51 -16.65
N TRP B 144 -13.34 16.27 -16.62
CA TRP B 144 -12.47 16.96 -15.67
C TRP B 144 -12.45 18.46 -15.89
N GLN B 145 -12.69 18.91 -17.12
CA GLN B 145 -12.69 20.34 -17.41
C GLN B 145 -14.01 20.99 -17.04
N ASN B 146 -15.12 20.26 -17.17
CA ASN B 146 -16.44 20.86 -17.05
C ASN B 146 -17.07 20.47 -15.71
N THR B 147 -16.38 20.81 -14.62
CA THR B 147 -16.81 20.44 -13.28
C THR B 147 -17.25 21.63 -12.45
N GLY B 148 -16.64 22.79 -12.66
CA GLY B 148 -16.89 23.96 -11.85
C GLY B 148 -15.76 24.28 -10.89
N PHE B 149 -14.88 23.33 -10.62
CA PHE B 149 -13.75 23.58 -9.75
C PHE B 149 -12.60 24.22 -10.52
N GLN B 150 -11.62 24.70 -9.74
CA GLN B 150 -10.36 25.19 -10.28
C GLN B 150 -9.26 24.52 -9.47
N TYR B 151 -8.61 23.52 -10.06
CA TYR B 151 -7.63 22.72 -9.34
C TYR B 151 -6.41 23.55 -8.98
N ASP B 152 -5.81 23.24 -7.82
CA ASP B 152 -4.65 23.98 -7.36
C ASP B 152 -3.39 23.56 -8.09
N VAL B 153 -3.18 22.26 -8.28
CA VAL B 153 -2.04 21.79 -9.07
C VAL B 153 -2.52 20.78 -10.10
N ILE B 154 -2.13 21.01 -11.35
CA ILE B 154 -2.44 20.11 -12.46
C ILE B 154 -1.12 19.57 -13.00
N SER B 155 -1.04 18.25 -13.17
CA SER B 155 0.15 17.57 -13.64
C SER B 155 -0.19 16.79 -14.90
N CYS B 156 0.44 17.16 -16.02
CA CYS B 156 0.29 16.45 -17.29
C CYS B 156 1.59 15.72 -17.61
N LEU B 157 2.03 14.86 -16.70
CA LEU B 157 3.30 14.18 -16.82
C LEU B 157 3.26 13.16 -17.94
N ASN B 158 3.99 13.43 -19.03
CA ASN B 158 4.23 12.46 -20.11
C ASN B 158 2.93 11.98 -20.73
N LEU B 159 2.08 12.95 -21.08
CA LEU B 159 0.84 12.68 -21.79
C LEU B 159 0.78 13.40 -23.13
N LEU B 160 1.52 14.50 -23.28
CA LEU B 160 1.53 15.23 -24.55
C LEU B 160 2.19 14.39 -25.65
N ASP B 161 3.19 13.57 -25.29
CA ASP B 161 3.77 12.65 -26.26
C ASP B 161 2.75 11.63 -26.75
N ARG B 162 1.76 11.30 -25.92
CA ARG B 162 0.81 10.22 -26.21
C ARG B 162 -0.62 10.74 -26.08
N CYS B 163 -0.96 11.70 -26.94
CA CYS B 163 -2.30 12.28 -26.97
C CYS B 163 -2.65 12.65 -28.40
N ASP B 164 -3.95 12.81 -28.64
CA ASP B 164 -4.42 13.19 -29.96
C ASP B 164 -4.51 14.71 -30.12
N GLN B 165 -4.73 15.44 -29.03
CA GLN B 165 -4.87 16.90 -29.09
C GLN B 165 -4.13 17.51 -27.90
N PRO B 166 -2.83 17.74 -28.05
CA PRO B 166 -2.05 18.27 -26.90
C PRO B 166 -2.31 19.74 -26.61
N LEU B 167 -2.41 20.57 -27.66
CA LEU B 167 -2.69 21.99 -27.45
C LEU B 167 -4.05 22.19 -26.82
N THR B 168 -5.04 21.40 -27.23
CA THR B 168 -6.34 21.46 -26.60
C THR B 168 -6.26 21.14 -25.11
N LEU B 169 -5.49 20.11 -24.75
CA LEU B 169 -5.35 19.76 -23.34
C LEU B 169 -4.66 20.87 -22.57
N LEU B 170 -3.62 21.46 -23.17
CA LEU B 170 -2.90 22.56 -22.52
C LEU B 170 -3.82 23.74 -22.25
N LYS B 171 -4.60 24.13 -23.26
CA LYS B 171 -5.52 25.25 -23.09
C LYS B 171 -6.61 24.93 -22.07
N ASP B 172 -7.12 23.69 -22.07
CA ASP B 172 -8.11 23.32 -21.06
C ASP B 172 -7.53 23.40 -19.66
N ILE B 173 -6.27 22.99 -19.50
CA ILE B 173 -5.60 23.14 -18.20
C ILE B 173 -5.54 24.61 -17.82
N ARG B 174 -5.16 25.48 -18.77
CA ARG B 174 -5.19 26.91 -18.50
C ARG B 174 -6.58 27.37 -18.08
N SER B 175 -7.63 26.71 -18.58
CA SER B 175 -9.00 27.11 -18.25
C SER B 175 -9.33 26.85 -16.78
N VAL B 176 -8.96 25.67 -16.26
CA VAL B 176 -9.43 25.24 -14.95
C VAL B 176 -8.32 25.28 -13.90
N LEU B 177 -7.42 26.25 -14.00
CA LEU B 177 -6.33 26.41 -13.05
C LEU B 177 -6.56 27.63 -12.18
N GLU B 178 -6.24 27.52 -10.89
CA GLU B 178 -6.40 28.62 -9.95
C GLU B 178 -5.51 29.78 -10.36
N PRO B 179 -6.06 30.97 -10.60
CA PRO B 179 -5.21 32.06 -11.12
C PRO B 179 -4.17 32.56 -10.13
N THR B 180 -4.54 32.71 -8.86
CA THR B 180 -3.62 33.25 -7.85
C THR B 180 -2.72 32.13 -7.36
N ARG B 181 -1.42 32.22 -7.64
CA ARG B 181 -0.42 31.27 -7.17
C ARG B 181 -0.85 29.82 -7.46
N GLY B 182 -1.00 29.54 -8.76
CA GLY B 182 -1.31 28.19 -9.21
C GLY B 182 -0.30 27.75 -10.24
N ARG B 183 0.22 26.54 -10.11
CA ARG B 183 1.29 26.09 -10.98
C ARG B 183 0.92 24.75 -11.63
N VAL B 184 1.61 24.44 -12.72
CA VAL B 184 1.38 23.23 -13.50
C VAL B 184 2.67 22.42 -13.58
N ILE B 185 2.60 21.15 -13.19
CA ILE B 185 3.72 20.22 -13.37
C ILE B 185 3.53 19.47 -14.68
N LEU B 186 4.45 19.66 -15.63
CA LEU B 186 4.34 19.00 -16.92
C LEU B 186 5.66 18.30 -17.23
N ALA B 187 5.60 17.27 -18.08
CA ALA B 187 6.77 16.47 -18.40
C ALA B 187 6.71 16.00 -19.85
N LEU B 188 7.83 16.09 -20.55
CA LEU B 188 7.92 15.69 -21.95
C LEU B 188 9.12 14.81 -22.20
N VAL B 189 8.94 13.80 -23.06
CA VAL B 189 10.03 12.94 -23.50
C VAL B 189 10.72 13.60 -24.68
N LEU B 190 11.94 14.08 -24.46
CA LEU B 190 12.76 14.66 -25.51
C LEU B 190 13.92 13.72 -25.80
N PRO B 191 14.12 13.22 -27.03
CA PRO B 191 13.55 13.64 -28.31
C PRO B 191 12.06 13.37 -28.46
N PHE B 192 11.35 14.35 -28.99
CA PHE B 192 9.90 14.30 -29.14
C PHE B 192 9.53 13.20 -30.12
N HIS B 193 8.91 12.13 -29.62
CA HIS B 193 8.39 11.05 -30.47
C HIS B 193 6.92 10.87 -30.12
N PRO B 194 6.03 11.60 -30.80
CA PRO B 194 4.61 11.59 -30.42
C PRO B 194 3.76 10.62 -31.23
N TYR B 195 3.03 9.74 -30.55
CA TYR B 195 2.15 8.78 -31.23
C TYR B 195 1.06 8.36 -30.27
N VAL B 196 -0.04 7.85 -30.84
CA VAL B 196 -1.21 7.43 -30.07
C VAL B 196 -1.30 5.91 -30.13
N GLU B 197 -1.34 5.27 -28.96
CA GLU B 197 -1.31 3.82 -28.85
C GLU B 197 -2.67 3.22 -29.19
N ASN B 198 -2.67 1.92 -29.49
CA ASN B 198 -3.88 1.17 -29.73
C ASN B 198 -3.69 -0.24 -29.20
N VAL B 199 -4.64 -1.12 -29.53
CA VAL B 199 -4.55 -2.52 -29.11
C VAL B 199 -3.51 -3.22 -29.97
N GLY B 200 -2.66 -4.02 -29.33
CA GLY B 200 -1.65 -4.76 -30.05
C GLY B 200 -0.45 -3.94 -30.48
N GLY B 201 -0.35 -2.69 -30.01
CA GLY B 201 0.77 -1.85 -30.40
C GLY B 201 0.59 -1.15 -31.72
N LYS B 202 -0.64 -0.86 -32.12
CA LYS B 202 -0.90 -0.14 -33.36
C LYS B 202 -0.98 1.34 -33.04
N TRP B 203 -0.47 2.16 -33.96
CA TRP B 203 -0.40 3.57 -33.67
C TRP B 203 -1.06 4.36 -34.78
N GLU B 204 -1.36 5.61 -34.45
CA GLU B 204 -1.88 6.59 -35.37
C GLU B 204 -1.28 7.91 -34.96
N LYS B 205 -0.88 8.71 -35.94
CA LYS B 205 -0.31 10.01 -35.63
C LYS B 205 -1.37 10.87 -34.94
N PRO B 206 -0.96 11.82 -34.10
CA PRO B 206 -1.94 12.65 -33.40
C PRO B 206 -2.63 13.62 -34.36
N SER B 207 -3.79 14.11 -33.92
CA SER B 207 -4.59 15.03 -34.71
C SER B 207 -4.17 16.48 -34.48
N GLU B 208 -3.34 16.72 -33.47
CA GLU B 208 -2.72 18.02 -33.21
C GLU B 208 -1.25 17.76 -32.93
N ILE B 209 -0.37 18.37 -33.72
CA ILE B 209 1.07 18.16 -33.59
C ILE B 209 1.70 19.40 -32.97
N LEU B 210 2.56 19.20 -31.98
CA LEU B 210 3.26 20.29 -31.31
C LEU B 210 4.50 20.70 -32.12
N GLU B 211 4.80 21.99 -32.06
CA GLU B 211 5.89 22.57 -32.85
C GLU B 211 7.23 22.47 -32.12
N ILE B 212 7.59 21.26 -31.70
CA ILE B 212 8.85 21.01 -31.01
C ILE B 212 9.84 20.52 -32.05
N LYS B 213 10.52 21.45 -32.73
CA LYS B 213 11.47 21.09 -33.76
C LYS B 213 12.88 21.24 -33.21
N GLY B 214 13.63 20.13 -33.22
CA GLY B 214 14.98 20.13 -32.69
C GLY B 214 15.60 18.76 -32.87
N GLN B 215 16.86 18.66 -32.48
CA GLN B 215 17.61 17.43 -32.60
C GLN B 215 18.17 16.93 -31.27
N ASN B 216 18.39 17.80 -30.30
CA ASN B 216 18.83 17.41 -28.98
C ASN B 216 17.86 17.96 -27.93
N TRP B 217 18.12 17.61 -26.68
CA TRP B 217 17.24 17.99 -25.58
C TRP B 217 17.10 19.52 -25.48
N GLU B 218 18.23 20.23 -25.50
CA GLU B 218 18.21 21.67 -25.25
C GLU B 218 17.48 22.43 -26.35
N GLU B 219 17.63 22.02 -27.61
CA GLU B 219 16.95 22.74 -28.68
C GLU B 219 15.44 22.57 -28.62
N GLN B 220 14.98 21.35 -28.35
CA GLN B 220 13.54 21.12 -28.24
C GLN B 220 12.95 21.80 -27.02
N VAL B 221 13.69 21.81 -25.90
CA VAL B 221 13.24 22.52 -24.72
C VAL B 221 13.23 24.02 -24.98
N ASN B 222 14.09 24.51 -25.88
CA ASN B 222 14.02 25.91 -26.30
C ASN B 222 12.81 26.17 -27.18
N SER B 223 12.36 25.16 -27.93
CA SER B 223 11.18 25.34 -28.77
C SER B 223 9.88 25.28 -27.98
N LEU B 224 9.92 24.66 -26.80
CA LEU B 224 8.71 24.53 -26.00
C LEU B 224 8.09 25.86 -25.53
N PRO B 225 8.90 26.89 -25.13
CA PRO B 225 8.30 28.20 -24.75
C PRO B 225 7.19 28.71 -25.64
N GLU B 226 7.31 28.55 -26.95
CA GLU B 226 6.27 29.07 -27.85
C GLU B 226 4.94 28.35 -27.64
N VAL B 227 4.97 27.02 -27.58
CA VAL B 227 3.76 26.26 -27.34
C VAL B 227 3.15 26.66 -25.99
N PHE B 228 3.99 26.72 -24.96
CA PHE B 228 3.49 27.07 -23.64
C PHE B 228 2.92 28.49 -23.60
N ARG B 229 3.48 29.40 -24.38
CA ARG B 229 2.94 30.76 -24.45
C ARG B 229 1.60 30.77 -25.17
N LYS B 230 1.49 29.98 -26.24
CA LYS B 230 0.23 29.86 -26.96
C LYS B 230 -0.87 29.32 -26.05
N ALA B 231 -0.52 28.42 -25.12
CA ALA B 231 -1.52 27.96 -24.16
C ALA B 231 -1.92 29.09 -23.21
N GLY B 232 -0.93 29.74 -22.60
CA GLY B 232 -1.20 30.81 -21.66
C GLY B 232 -0.24 30.80 -20.49
N PHE B 233 0.83 30.03 -20.62
CA PHE B 233 1.75 29.75 -19.53
C PHE B 233 3.15 30.32 -19.80
N VAL B 234 3.87 30.58 -18.71
CA VAL B 234 5.28 30.95 -18.74
C VAL B 234 6.01 30.03 -17.76
N ILE B 235 7.19 29.58 -18.13
CA ILE B 235 7.95 28.67 -17.29
C ILE B 235 8.46 29.40 -16.06
N GLU B 236 8.22 28.80 -14.90
CA GLU B 236 8.77 29.27 -13.63
C GLU B 236 9.99 28.49 -13.19
N ALA B 237 10.09 27.23 -13.61
CA ALA B 237 11.27 26.40 -13.38
C ALA B 237 11.20 25.19 -14.30
N PHE B 238 12.36 24.60 -14.56
CA PHE B 238 12.40 23.39 -15.37
C PHE B 238 13.72 22.66 -15.13
N THR B 239 13.68 21.34 -15.31
CA THR B 239 14.80 20.48 -14.94
C THR B 239 14.88 19.30 -15.88
N ARG B 240 16.02 18.60 -15.84
CA ARG B 240 16.23 17.36 -16.58
C ARG B 240 16.29 16.18 -15.61
N LEU B 241 15.56 15.12 -15.92
CA LEU B 241 15.44 13.95 -15.07
C LEU B 241 15.48 12.69 -15.91
N PRO B 242 15.74 11.53 -15.29
CA PRO B 242 15.52 10.26 -16.01
C PRO B 242 14.10 9.74 -15.79
N TYR B 243 13.46 9.34 -16.87
CA TYR B 243 12.10 8.78 -16.83
C TYR B 243 12.24 7.26 -16.76
N LEU B 244 12.25 6.73 -15.54
CA LEU B 244 12.63 5.34 -15.32
C LEU B 244 11.44 4.41 -15.29
N CYS B 245 11.69 3.15 -15.65
CA CYS B 245 10.70 2.09 -15.65
C CYS B 245 11.37 0.81 -15.16
N GLU B 246 10.62 -0.02 -14.44
CA GLU B 246 11.20 -1.25 -13.93
C GLU B 246 11.54 -2.19 -15.09
N GLY B 247 12.24 -3.29 -14.76
CA GLY B 247 12.84 -4.13 -15.77
C GLY B 247 12.05 -5.40 -16.07
N ASP B 248 12.49 -6.07 -17.12
CA ASP B 248 11.89 -7.32 -17.59
C ASP B 248 12.91 -8.45 -17.39
N MET B 249 13.16 -9.29 -18.39
CA MET B 249 14.16 -10.36 -18.30
C MET B 249 15.48 -10.00 -18.96
N TYR B 250 15.48 -9.03 -19.88
CA TYR B 250 16.68 -8.68 -20.62
C TYR B 250 17.46 -7.55 -19.94
N ASN B 251 16.78 -6.51 -19.48
CA ASN B 251 17.40 -5.43 -18.73
C ASN B 251 16.77 -5.34 -17.34
N ASP B 252 17.47 -4.66 -16.43
CA ASP B 252 16.99 -4.51 -15.07
C ASP B 252 16.22 -3.22 -14.87
N TYR B 253 16.40 -2.25 -15.76
CA TYR B 253 15.77 -0.95 -15.66
C TYR B 253 15.73 -0.35 -17.06
N TYR B 254 14.78 0.55 -17.27
CA TYR B 254 14.67 1.27 -18.54
C TYR B 254 14.49 2.74 -18.24
N VAL B 255 15.09 3.58 -19.08
CA VAL B 255 15.15 5.02 -18.80
C VAL B 255 14.87 5.80 -20.07
N LEU B 256 14.26 6.95 -19.89
CA LEU B 256 14.03 7.92 -20.95
C LEU B 256 14.39 9.29 -20.40
N ASP B 257 14.79 10.20 -21.29
CA ASP B 257 15.21 11.54 -20.87
C ASP B 257 13.99 12.44 -20.83
N ASP B 258 13.66 12.91 -19.64
CA ASP B 258 12.48 13.74 -19.42
C ASP B 258 12.87 15.18 -19.20
N ALA B 259 12.01 16.08 -19.67
CA ALA B 259 12.11 17.51 -19.43
C ALA B 259 10.89 17.89 -18.60
N VAL B 260 11.12 18.26 -17.34
CA VAL B 260 10.07 18.58 -16.38
C VAL B 260 9.97 20.10 -16.26
N PHE B 261 8.76 20.62 -16.31
CA PHE B 261 8.48 22.04 -16.18
C PHE B 261 7.50 22.29 -15.05
N VAL B 262 7.72 23.42 -14.36
CA VAL B 262 6.72 24.03 -13.51
C VAL B 262 6.32 25.32 -14.20
N LEU B 263 5.02 25.46 -14.49
CA LEU B 263 4.54 26.56 -15.29
C LEU B 263 3.57 27.43 -14.49
N LYS B 264 3.74 28.75 -14.60
CA LYS B 264 2.83 29.72 -14.02
C LYS B 264 1.92 30.30 -15.11
N PRO B 265 0.65 30.54 -14.82
CA PRO B 265 -0.24 31.12 -15.84
C PRO B 265 0.04 32.61 -16.03
N VAL B 266 -0.08 33.05 -17.27
CA VAL B 266 0.02 34.47 -17.59
C VAL B 266 -1.18 34.90 -18.42
N GLY C 1 9.14 -4.04 -21.85
CA GLY C 1 9.98 -2.91 -22.21
C GLY C 1 9.74 -1.70 -21.32
N HIS C 2 9.60 -0.54 -21.95
CA HIS C 2 9.28 0.70 -21.24
C HIS C 2 7.82 1.02 -21.51
N THR C 3 7.07 1.27 -20.44
CA THR C 3 5.61 1.41 -20.56
C THR C 3 5.22 2.63 -21.38
N HIS C 4 6.02 3.69 -21.35
CA HIS C 4 5.75 4.84 -22.22
C HIS C 4 5.83 4.45 -23.69
N GLU C 5 6.84 3.67 -24.06
CA GLU C 5 7.05 3.31 -25.45
C GLU C 5 6.53 1.90 -25.72
N GLY D 1 -11.33 -9.92 0.65
CA GLY D 1 -11.58 -8.98 1.72
C GLY D 1 -10.57 -9.09 2.84
N HIS D 2 -11.07 -9.12 4.07
CA HIS D 2 -10.23 -9.29 5.26
C HIS D 2 -10.41 -10.69 5.81
N THR D 3 -9.28 -11.39 6.01
CA THR D 3 -9.34 -12.80 6.39
C THR D 3 -9.96 -13.00 7.77
N HIS D 4 -9.85 -12.01 8.66
CA HIS D 4 -10.54 -12.10 9.95
C HIS D 4 -12.05 -12.21 9.73
N GLU D 5 -12.59 -11.40 8.83
CA GLU D 5 -14.02 -11.38 8.56
C GLU D 5 -14.35 -12.08 7.23
#